data_3CE2
#
_entry.id   3CE2
#
_cell.length_a   147.775
_cell.length_b   147.775
_cell.length_c   143.658
_cell.angle_alpha   90.000
_cell.angle_beta   90.000
_cell.angle_gamma   120.000
#
_symmetry.space_group_name_H-M   'P 65 2 2'
#
loop_
_entity.id
_entity.type
_entity.pdbx_description
1 polymer 'Putative peptidase'
2 non-polymer 'ZINC ION'
3 water water
#
_entity_poly.entity_id   1
_entity_poly.type   'polypeptide(L)'
_entity_poly.pdbx_seq_one_letter_code
;MSLSVEFNKQQVRPRSEISPQDCWDITPLYLNRKAWKADLDSFGLKTDGSPTWPALQATQYQLDNSESLLSLLTTLFSIE
RKLNKLYVYAHLTHDQDITNQEGIADLKSITHLHTLFAEETSWVQPALTSLSESLIAQHLSAPCLAPYRFYLEKIFRLSI
HTGTPGEEKILASAFTPLEVASKAFSSLSDSEIPFGQATDSEGNSHPLSHALASLYMQSTDRELRKTSYLAQCERYHSYR
HTFANLLNGKIQAHVFYAKNKRYNSCLQAALYHNNIPTTVYTNLIDIVKKNSSLITKYFSIKQRCLNLKDFHFYDVYAPL
SQSKEKKYTFQEAVDLIYTSLSPLGTEYIDTLKQGLTTQGWVDKYENLNKRSGAYSSGCYDSHPYVLLNYTGTLYDVSVI
AHEGGHSMHSYFSRKHQPFHDAQYPIFLAEIASTLNEMLLMDSMLKESDSKEEKITILTRCLDTIFSTLFRQVLFASFEY
DIHHAAEHGVPLTEEYLSSTYKNLQNEFYGEIITFDVLSNIEWARIPHFYYNFYVYQYATGIIAALCFLEKILNNEDNAL
NSYLNFLKSGGSDFPLEILKKSGLDMGTVEPIQKAFCFIEKKIQELSSLIEGHHHHHH
;
_entity_poly.pdbx_strand_id   A
#
# COMPACT_ATOMS: atom_id res chain seq x y z
N GLN A 11 -14.37 -15.97 25.79
CA GLN A 11 -15.67 -16.53 25.35
C GLN A 11 -16.22 -15.76 24.13
N VAL A 12 -16.67 -16.52 23.14
CA VAL A 12 -17.06 -15.99 21.84
C VAL A 12 -18.54 -15.63 21.80
N ARG A 13 -18.88 -14.47 21.25
CA ARG A 13 -20.27 -14.03 21.20
C ARG A 13 -20.76 -13.73 19.78
N PRO A 14 -22.06 -13.87 19.54
CA PRO A 14 -22.53 -13.45 18.24
C PRO A 14 -22.74 -11.93 18.17
N ARG A 15 -22.75 -11.39 16.96
CA ARG A 15 -22.90 -9.95 16.80
C ARG A 15 -24.01 -9.41 17.70
N SER A 16 -25.17 -10.06 17.69
CA SER A 16 -26.37 -9.47 18.27
C SER A 16 -26.31 -9.33 19.79
N GLU A 17 -25.35 -9.98 20.43
CA GLU A 17 -25.20 -9.87 21.88
C GLU A 17 -24.09 -8.88 22.26
N ILE A 18 -23.54 -8.18 21.27
CA ILE A 18 -22.43 -7.26 21.53
C ILE A 18 -23.03 -5.92 21.88
N SER A 19 -22.52 -5.31 22.96
CA SER A 19 -23.07 -4.03 23.40
C SER A 19 -22.58 -2.93 22.46
N PRO A 20 -23.52 -2.06 22.02
CA PRO A 20 -23.29 -1.02 21.01
C PRO A 20 -22.20 0.02 21.34
N GLN A 21 -21.81 0.12 22.60
CA GLN A 21 -20.68 0.99 22.96
C GLN A 21 -19.36 0.38 22.49
N ASP A 22 -19.39 -0.86 22.05
CA ASP A 22 -18.19 -1.50 21.58
C ASP A 22 -18.13 -1.45 20.06
N CYS A 23 -19.18 -0.91 19.46
CA CYS A 23 -19.33 -0.96 18.03
C CYS A 23 -19.29 0.42 17.41
N TRP A 24 -18.97 0.45 16.13
CA TRP A 24 -19.03 1.68 15.43
C TRP A 24 -20.50 2.04 15.27
N ASP A 25 -20.72 3.35 15.06
CA ASP A 25 -22.04 3.91 14.87
C ASP A 25 -22.18 4.36 13.43
N ILE A 26 -22.90 3.57 12.65
CA ILE A 26 -23.07 3.79 11.24
C ILE A 26 -24.40 4.45 10.93
N THR A 27 -25.15 4.84 11.96
CA THR A 27 -26.44 5.51 11.76
C THR A 27 -26.33 6.86 11.03
N PRO A 28 -25.25 7.66 11.29
CA PRO A 28 -25.07 8.88 10.46
C PRO A 28 -25.14 8.64 8.95
N LEU A 29 -24.86 7.43 8.49
CA LEU A 29 -25.04 7.11 7.08
C LEU A 29 -26.51 6.86 6.78
N TYR A 30 -27.05 5.85 7.43
CA TYR A 30 -28.46 5.54 7.36
C TYR A 30 -28.97 5.16 8.72
N LEU A 31 -30.12 5.73 9.07
CA LEU A 31 -30.80 5.38 10.33
C LEU A 31 -30.85 3.87 10.57
N ASN A 32 -31.22 3.13 9.53
CA ASN A 32 -31.40 1.69 9.62
C ASN A 32 -31.48 1.15 8.22
N ARG A 33 -31.45 -0.17 8.11
CA ARG A 33 -31.43 -0.79 6.80
C ARG A 33 -32.62 -0.34 5.95
N LYS A 34 -33.78 -0.12 6.57
CA LYS A 34 -34.97 0.26 5.79
C LYS A 34 -34.68 1.47 4.91
N ALA A 35 -34.12 2.52 5.53
CA ALA A 35 -33.68 3.75 4.83
C ALA A 35 -32.62 3.49 3.75
N TRP A 36 -31.60 2.70 4.11
CA TRP A 36 -30.60 2.22 3.17
C TRP A 36 -31.26 1.60 1.97
N LYS A 37 -32.20 0.70 2.25
CA LYS A 37 -32.92 -0.01 1.21
C LYS A 37 -33.76 0.98 0.45
N ALA A 38 -34.42 1.88 1.19
CA ALA A 38 -35.22 2.94 0.60
C ALA A 38 -34.38 3.74 -0.42
N ASP A 39 -33.22 4.21 0.03
CA ASP A 39 -32.30 4.92 -0.83
C ASP A 39 -31.85 4.09 -2.04
N LEU A 40 -31.37 2.86 -1.81
CA LEU A 40 -30.97 1.97 -2.91
C LEU A 40 -32.05 1.95 -3.97
N ASP A 41 -33.29 2.04 -3.49
CA ASP A 41 -34.47 1.99 -4.35
C ASP A 41 -34.56 3.18 -5.33
N SER A 42 -34.34 4.42 -4.84
CA SER A 42 -34.45 5.63 -5.68
C SER A 42 -33.94 5.41 -7.09
N PHE A 43 -32.92 4.57 -7.21
CA PHE A 43 -32.30 4.34 -8.49
C PHE A 43 -33.22 3.66 -9.50
N GLY A 44 -34.14 2.82 -9.01
CA GLY A 44 -34.97 2.03 -9.89
C GLY A 44 -34.12 1.26 -10.88
N LEU A 45 -33.57 0.13 -10.43
CA LEU A 45 -32.80 -0.76 -11.30
C LEU A 45 -33.64 -1.14 -12.52
N LYS A 46 -33.00 -1.25 -13.67
CA LYS A 46 -33.69 -1.60 -14.91
C LYS A 46 -33.40 -3.05 -15.31
N SER A 50 -31.62 -2.62 -20.67
CA SER A 50 -32.11 -1.24 -20.61
C SER A 50 -31.31 -0.38 -19.61
N PRO A 51 -30.92 0.86 -20.02
CA PRO A 51 -30.09 1.77 -19.19
C PRO A 51 -30.77 2.32 -17.93
N THR A 52 -30.06 2.28 -16.80
CA THR A 52 -30.61 2.73 -15.51
C THR A 52 -30.43 4.24 -15.26
N TRP A 53 -29.40 4.79 -15.90
CA TRP A 53 -29.19 6.22 -15.96
C TRP A 53 -29.22 6.62 -17.44
N PRO A 54 -30.33 7.23 -17.88
CA PRO A 54 -30.43 7.63 -19.29
C PRO A 54 -29.72 8.99 -19.44
N ALA A 55 -29.81 9.77 -18.38
CA ALA A 55 -29.05 11.00 -18.21
C ALA A 55 -27.54 10.87 -18.54
N LEU A 56 -27.01 9.66 -18.44
CA LEU A 56 -25.59 9.47 -18.67
C LEU A 56 -25.29 8.85 -20.01
N GLN A 57 -26.26 8.81 -20.91
CA GLN A 57 -25.96 8.30 -22.26
C GLN A 57 -25.09 9.29 -23.06
N ALA A 58 -24.10 8.76 -23.77
CA ALA A 58 -23.18 9.58 -24.60
C ALA A 58 -23.90 10.65 -25.42
N THR A 59 -24.99 10.22 -26.04
CA THR A 59 -25.78 11.08 -26.90
C THR A 59 -26.27 12.36 -26.20
N GLN A 60 -26.40 12.32 -24.88
CA GLN A 60 -26.90 13.49 -24.12
C GLN A 60 -25.89 14.62 -23.96
N TYR A 61 -24.67 14.43 -24.48
CA TYR A 61 -23.63 15.41 -24.24
C TYR A 61 -22.92 15.86 -25.50
N GLN A 62 -22.50 17.13 -25.47
CA GLN A 62 -21.68 17.71 -26.53
C GLN A 62 -20.33 18.05 -25.91
N LEU A 63 -19.34 17.21 -26.14
CA LEU A 63 -18.07 17.35 -25.46
C LEU A 63 -17.16 18.46 -26.01
N ASP A 64 -17.59 19.13 -27.07
CA ASP A 64 -16.83 20.29 -27.51
C ASP A 64 -17.34 21.55 -26.78
N ASN A 65 -18.19 21.34 -25.77
CA ASN A 65 -18.81 22.43 -25.05
C ASN A 65 -18.62 22.33 -23.53
N SER A 66 -17.80 23.20 -22.98
CA SER A 66 -17.41 23.09 -21.59
C SER A 66 -18.59 23.07 -20.64
N GLU A 67 -19.70 23.66 -21.03
CA GLU A 67 -20.84 23.69 -20.13
C GLU A 67 -21.54 22.32 -20.07
N SER A 68 -21.48 21.59 -21.17
CA SER A 68 -22.04 20.26 -21.23
C SER A 68 -21.21 19.30 -20.38
N LEU A 69 -19.90 19.40 -20.56
CA LEU A 69 -18.95 18.58 -19.82
C LEU A 69 -19.11 18.85 -18.35
N LEU A 70 -19.26 20.12 -17.98
CA LEU A 70 -19.43 20.41 -16.58
C LEU A 70 -20.68 19.71 -16.09
N SER A 71 -21.71 19.72 -16.91
CA SER A 71 -22.95 19.04 -16.56
C SER A 71 -22.74 17.52 -16.36
N LEU A 72 -22.04 16.89 -17.29
CA LEU A 72 -21.64 15.49 -17.19
C LEU A 72 -20.94 15.14 -15.87
N LEU A 73 -19.79 15.76 -15.65
CA LEU A 73 -19.01 15.57 -14.42
C LEU A 73 -19.91 15.76 -13.20
N THR A 74 -20.65 16.87 -13.18
CA THR A 74 -21.47 17.23 -12.05
C THR A 74 -22.41 16.08 -11.68
N THR A 75 -22.93 15.46 -12.71
CA THR A 75 -24.00 14.51 -12.56
C THR A 75 -23.42 13.16 -12.22
N LEU A 76 -22.27 12.85 -12.78
CA LEU A 76 -21.70 11.58 -12.48
C LEU A 76 -21.06 11.56 -11.10
N PHE A 77 -20.44 12.68 -10.70
CA PHE A 77 -19.91 12.76 -9.34
C PHE A 77 -21.00 12.65 -8.30
N SER A 78 -22.21 13.08 -8.66
CA SER A 78 -23.30 13.13 -7.73
C SER A 78 -23.81 11.72 -7.46
N ILE A 79 -24.00 10.97 -8.55
CA ILE A 79 -24.43 9.58 -8.51
C ILE A 79 -23.38 8.76 -7.78
N GLU A 80 -22.14 8.85 -8.27
CA GLU A 80 -21.02 8.13 -7.71
C GLU A 80 -20.96 8.32 -6.22
N ARG A 81 -21.26 9.54 -5.80
CA ARG A 81 -21.17 9.85 -4.40
C ARG A 81 -22.19 9.04 -3.60
N LYS A 82 -23.41 8.92 -4.15
CA LYS A 82 -24.52 8.23 -3.50
C LYS A 82 -24.25 6.72 -3.48
N LEU A 83 -23.83 6.16 -4.63
CA LEU A 83 -23.37 4.79 -4.71
C LEU A 83 -22.35 4.43 -3.63
N ASN A 84 -21.35 5.30 -3.44
CA ASN A 84 -20.30 5.04 -2.44
C ASN A 84 -20.86 5.05 -1.02
N LYS A 85 -21.74 5.98 -0.73
CA LYS A 85 -22.40 6.04 0.56
C LYS A 85 -23.12 4.70 0.80
N LEU A 86 -23.84 4.22 -0.21
CA LEU A 86 -24.61 3.00 -0.05
C LEU A 86 -23.66 1.83 0.03
N TYR A 87 -22.56 1.90 -0.71
CA TYR A 87 -21.63 0.81 -0.66
C TYR A 87 -21.03 0.65 0.73
N VAL A 88 -20.51 1.74 1.24
CA VAL A 88 -19.82 1.76 2.48
C VAL A 88 -20.74 1.23 3.54
N TYR A 89 -21.98 1.68 3.52
CA TYR A 89 -22.95 1.23 4.54
C TYR A 89 -23.18 -0.27 4.49
N ALA A 90 -23.40 -0.81 3.29
CA ALA A 90 -23.62 -2.25 3.12
C ALA A 90 -22.37 -3.08 3.51
N HIS A 91 -21.22 -2.65 3.02
CA HIS A 91 -19.95 -3.35 3.29
C HIS A 91 -19.59 -3.35 4.78
N LEU A 92 -19.79 -2.23 5.45
CA LEU A 92 -19.50 -2.16 6.87
C LEU A 92 -20.45 -3.09 7.61
N THR A 93 -21.71 -3.12 7.19
CA THR A 93 -22.74 -3.96 7.83
C THR A 93 -22.38 -5.44 7.70
N HIS A 94 -22.06 -5.84 6.47
CA HIS A 94 -21.58 -7.16 6.15
C HIS A 94 -20.38 -7.60 6.99
N ASP A 95 -19.47 -6.69 7.28
CA ASP A 95 -18.25 -7.08 7.96
C ASP A 95 -18.47 -7.32 9.45
N GLN A 96 -19.61 -6.86 9.97
CA GLN A 96 -19.95 -7.12 11.36
C GLN A 96 -20.20 -8.61 11.61
N ASP A 97 -20.70 -9.29 10.58
CA ASP A 97 -21.05 -10.72 10.59
C ASP A 97 -21.13 -11.24 9.16
N ILE A 98 -20.10 -11.92 8.70
CA ILE A 98 -19.94 -12.14 7.26
C ILE A 98 -20.86 -13.22 6.71
N THR A 99 -21.53 -13.96 7.60
CA THR A 99 -22.42 -15.01 7.17
C THR A 99 -23.88 -14.56 7.12
N ASN A 100 -24.20 -13.47 7.80
CA ASN A 100 -25.53 -12.91 7.70
C ASN A 100 -26.08 -12.78 6.27
N GLN A 101 -27.26 -13.35 6.03
CA GLN A 101 -27.78 -13.48 4.66
C GLN A 101 -28.22 -12.16 4.02
N GLU A 102 -28.80 -11.29 4.84
CA GLU A 102 -29.20 -9.98 4.37
C GLU A 102 -27.94 -9.10 4.17
N GLY A 103 -27.06 -9.09 5.16
CA GLY A 103 -25.75 -8.52 4.97
C GLY A 103 -25.26 -8.82 3.56
N ILE A 104 -25.19 -10.10 3.22
CA ILE A 104 -24.62 -10.53 1.96
C ILE A 104 -25.40 -10.06 0.73
N ALA A 105 -26.73 -10.04 0.84
CA ALA A 105 -27.57 -9.68 -0.31
C ALA A 105 -27.54 -8.19 -0.62
N ASP A 106 -27.61 -7.39 0.45
CA ASP A 106 -27.48 -5.93 0.38
C ASP A 106 -26.21 -5.58 -0.38
N LEU A 107 -25.07 -6.06 0.11
CA LEU A 107 -23.79 -5.81 -0.54
C LEU A 107 -23.78 -6.20 -2.02
N LYS A 108 -24.38 -7.34 -2.36
CA LYS A 108 -24.37 -7.84 -3.72
C LYS A 108 -25.19 -6.93 -4.64
N SER A 109 -26.19 -6.27 -4.06
CA SER A 109 -27.02 -5.31 -4.81
C SER A 109 -26.22 -4.06 -5.20
N ILE A 110 -25.76 -3.33 -4.19
CA ILE A 110 -25.01 -2.13 -4.43
C ILE A 110 -23.82 -2.47 -5.34
N THR A 111 -23.18 -3.60 -5.09
CA THR A 111 -22.05 -4.00 -5.91
C THR A 111 -22.50 -4.10 -7.37
N HIS A 112 -23.65 -4.72 -7.58
CA HIS A 112 -24.18 -4.89 -8.93
C HIS A 112 -24.41 -3.51 -9.52
N LEU A 113 -25.01 -2.62 -8.72
CA LEU A 113 -25.23 -1.23 -9.13
C LEU A 113 -23.96 -0.49 -9.57
N HIS A 114 -22.87 -0.70 -8.87
CA HIS A 114 -21.60 -0.10 -9.22
C HIS A 114 -21.12 -0.60 -10.54
N THR A 115 -21.37 -1.87 -10.84
CA THR A 115 -20.91 -2.44 -12.08
C THR A 115 -21.75 -1.90 -13.25
N LEU A 116 -23.00 -1.57 -12.94
CA LEU A 116 -23.88 -1.04 -13.95
C LEU A 116 -23.39 0.36 -14.28
N PHE A 117 -23.31 1.19 -13.24
CA PHE A 117 -22.70 2.50 -13.35
C PHE A 117 -21.44 2.47 -14.19
N ALA A 118 -20.52 1.58 -13.82
CA ALA A 118 -19.28 1.46 -14.57
C ALA A 118 -19.51 1.12 -16.06
N GLU A 119 -20.52 0.32 -16.36
CA GLU A 119 -20.78 -0.03 -17.75
C GLU A 119 -21.44 1.15 -18.44
N GLU A 120 -22.47 1.69 -17.81
CA GLU A 120 -23.13 2.83 -18.42
C GLU A 120 -22.19 4.02 -18.70
N THR A 121 -21.20 4.24 -17.84
CA THR A 121 -20.31 5.40 -18.00
C THR A 121 -19.01 5.07 -18.70
N SER A 122 -18.90 3.86 -19.23
CA SER A 122 -17.63 3.40 -19.78
C SER A 122 -17.19 4.20 -21.01
N TRP A 123 -18.10 4.99 -21.58
CA TRP A 123 -17.82 5.68 -22.83
C TRP A 123 -17.05 6.97 -22.60
N VAL A 124 -17.23 7.50 -21.39
CA VAL A 124 -16.65 8.77 -20.96
C VAL A 124 -15.13 8.89 -21.12
N GLN A 125 -14.37 8.11 -20.36
CA GLN A 125 -12.93 8.21 -20.50
C GLN A 125 -12.39 8.25 -21.95
N PRO A 126 -12.83 7.32 -22.82
CA PRO A 126 -12.21 7.36 -24.15
C PRO A 126 -12.73 8.49 -25.05
N ALA A 127 -13.95 8.96 -24.81
CA ALA A 127 -14.47 10.10 -25.57
C ALA A 127 -13.64 11.36 -25.26
N LEU A 128 -13.23 11.50 -23.99
CA LEU A 128 -12.39 12.60 -23.54
C LEU A 128 -10.97 12.50 -24.06
N THR A 129 -10.33 11.35 -23.88
CA THR A 129 -8.96 11.20 -24.32
C THR A 129 -8.83 11.32 -25.82
N SER A 130 -9.95 11.26 -26.55
CA SER A 130 -9.86 11.44 -27.99
C SER A 130 -10.31 12.83 -28.55
N LEU A 131 -10.57 13.81 -27.69
CA LEU A 131 -10.74 15.20 -28.16
C LEU A 131 -9.45 15.75 -28.75
N SER A 132 -9.56 16.72 -29.66
CA SER A 132 -8.36 17.38 -30.22
C SER A 132 -7.51 18.05 -29.14
N GLU A 133 -6.30 18.47 -29.50
CA GLU A 133 -5.47 19.22 -28.55
C GLU A 133 -6.14 20.55 -28.22
N SER A 134 -6.73 21.16 -29.25
CA SER A 134 -7.36 22.44 -29.12
C SER A 134 -8.50 22.40 -28.10
N LEU A 135 -9.40 21.43 -28.24
CA LEU A 135 -10.47 21.19 -27.26
C LEU A 135 -9.95 20.87 -25.86
N ILE A 136 -8.92 20.02 -25.78
CA ILE A 136 -8.29 19.74 -24.51
C ILE A 136 -7.99 21.09 -23.86
N ALA A 137 -7.25 21.96 -24.58
CA ALA A 137 -6.81 23.23 -23.99
C ALA A 137 -8.00 24.14 -23.66
N GLN A 138 -9.03 24.10 -24.50
CA GLN A 138 -10.20 24.90 -24.20
C GLN A 138 -10.82 24.50 -22.87
N HIS A 139 -10.82 23.20 -22.57
CA HIS A 139 -11.41 22.69 -21.35
C HIS A 139 -10.54 22.95 -20.13
N LEU A 140 -9.22 22.82 -20.31
CA LEU A 140 -8.30 23.09 -19.22
C LEU A 140 -8.26 24.59 -18.90
N SER A 141 -8.80 25.40 -19.80
CA SER A 141 -8.88 26.85 -19.66
C SER A 141 -10.23 27.34 -19.19
N ALA A 142 -11.27 26.52 -19.34
CA ALA A 142 -12.61 27.00 -19.05
C ALA A 142 -12.81 27.12 -17.55
N PRO A 143 -13.31 28.28 -17.10
CA PRO A 143 -13.62 28.60 -15.70
C PRO A 143 -14.80 27.85 -15.09
N CYS A 144 -15.79 27.45 -15.88
CA CYS A 144 -16.83 26.64 -15.26
C CYS A 144 -16.32 25.23 -14.97
N LEU A 145 -15.23 24.84 -15.65
CA LEU A 145 -14.49 23.61 -15.36
C LEU A 145 -13.31 23.77 -14.40
N ALA A 146 -13.08 24.98 -13.90
CA ALA A 146 -11.84 25.22 -13.13
C ALA A 146 -11.70 24.35 -11.87
N PRO A 147 -12.81 24.07 -11.17
CA PRO A 147 -12.72 23.16 -10.01
C PRO A 147 -12.37 21.72 -10.33
N TYR A 148 -12.42 21.36 -11.62
CA TYR A 148 -12.24 19.98 -12.06
C TYR A 148 -11.05 19.93 -12.98
N ARG A 149 -10.10 20.82 -12.76
CA ARG A 149 -8.94 20.91 -13.66
C ARG A 149 -7.98 19.70 -13.53
N PHE A 150 -7.61 19.38 -12.30
CA PHE A 150 -6.70 18.29 -12.08
C PHE A 150 -7.33 16.96 -12.53
N TYR A 151 -8.56 16.76 -12.08
CA TYR A 151 -9.33 15.64 -12.52
C TYR A 151 -9.25 15.49 -14.03
N LEU A 152 -9.58 16.53 -14.77
CA LEU A 152 -9.51 16.42 -16.24
C LEU A 152 -8.09 16.35 -16.75
N GLU A 153 -7.17 17.00 -16.05
CA GLU A 153 -5.80 17.00 -16.48
C GLU A 153 -5.31 15.56 -16.52
N LYS A 154 -5.60 14.82 -15.44
CA LYS A 154 -5.27 13.40 -15.34
C LYS A 154 -5.84 12.60 -16.50
N ILE A 155 -7.01 12.97 -16.98
CA ILE A 155 -7.58 12.23 -18.09
C ILE A 155 -7.05 12.62 -19.45
N PHE A 156 -6.89 13.92 -19.70
CA PHE A 156 -6.38 14.41 -20.99
C PHE A 156 -4.90 14.09 -21.21
N ARG A 157 -4.15 13.86 -20.15
CA ARG A 157 -2.75 13.53 -20.31
C ARG A 157 -2.57 12.22 -21.08
N LEU A 158 -3.64 11.43 -21.15
CA LEU A 158 -3.56 10.10 -21.74
C LEU A 158 -3.74 10.12 -23.26
N SER A 159 -4.14 11.26 -23.78
CA SER A 159 -4.38 11.44 -25.21
C SER A 159 -3.12 11.12 -26.03
N ILE A 160 -1.97 11.61 -25.60
CA ILE A 160 -0.76 11.39 -26.38
C ILE A 160 -0.22 9.94 -26.36
N HIS A 161 -0.87 9.07 -25.59
CA HIS A 161 -0.50 7.65 -25.52
C HIS A 161 -1.76 6.81 -25.74
N THR A 162 -2.69 7.31 -26.55
CA THR A 162 -3.92 6.61 -26.86
C THR A 162 -4.17 6.72 -28.38
N GLY A 163 -4.19 5.57 -29.05
CA GLY A 163 -4.33 5.53 -30.51
C GLY A 163 -5.77 5.46 -30.99
N THR A 164 -5.95 5.09 -32.26
CA THR A 164 -7.28 5.03 -32.85
C THR A 164 -8.11 4.01 -32.10
N PRO A 165 -9.42 4.14 -32.14
CA PRO A 165 -10.26 3.32 -31.29
C PRO A 165 -10.16 1.83 -31.59
N GLY A 166 -9.87 1.50 -32.84
CA GLY A 166 -9.57 0.13 -33.27
C GLY A 166 -8.21 -0.35 -32.75
N GLU A 167 -7.17 0.48 -32.88
CA GLU A 167 -5.93 0.19 -32.19
C GLU A 167 -6.17 -0.10 -30.70
N GLU A 168 -6.93 0.74 -30.02
CA GLU A 168 -7.13 0.53 -28.58
C GLU A 168 -7.99 -0.69 -28.32
N LYS A 169 -8.95 -0.95 -29.20
CA LYS A 169 -9.81 -2.12 -29.04
C LYS A 169 -8.97 -3.38 -28.94
N ILE A 170 -7.85 -3.40 -29.65
CA ILE A 170 -6.99 -4.56 -29.67
C ILE A 170 -6.18 -4.70 -28.38
N LEU A 171 -5.58 -3.61 -27.93
CA LEU A 171 -4.82 -3.65 -26.70
C LEU A 171 -5.69 -4.13 -25.56
N ALA A 172 -6.91 -3.62 -25.48
CA ALA A 172 -7.79 -4.00 -24.39
C ALA A 172 -8.10 -5.49 -24.48
N SER A 173 -7.87 -6.04 -25.66
CA SER A 173 -8.31 -7.38 -26.00
C SER A 173 -7.24 -8.35 -25.58
N ALA A 174 -6.00 -7.92 -25.69
CA ALA A 174 -4.85 -8.73 -25.34
C ALA A 174 -4.79 -9.03 -23.84
N PHE A 175 -5.54 -8.26 -23.05
CA PHE A 175 -5.42 -8.35 -21.61
C PHE A 175 -5.70 -9.78 -21.19
N THR A 176 -6.81 -10.31 -21.70
CA THR A 176 -7.26 -11.64 -21.37
C THR A 176 -6.17 -12.71 -21.57
N PRO A 177 -5.73 -12.95 -22.81
CA PRO A 177 -4.67 -13.92 -23.02
C PRO A 177 -3.40 -13.64 -22.21
N LEU A 178 -3.11 -12.38 -21.92
CA LEU A 178 -1.87 -12.04 -21.24
C LEU A 178 -1.92 -12.26 -19.73
N GLU A 179 -3.03 -12.77 -19.22
CA GLU A 179 -3.10 -13.09 -17.81
C GLU A 179 -2.37 -14.39 -17.54
N VAL A 180 -2.06 -15.14 -18.61
CA VAL A 180 -1.66 -16.52 -18.39
C VAL A 180 -0.39 -16.60 -17.57
N ALA A 181 0.58 -15.72 -17.82
CA ALA A 181 1.83 -15.83 -17.10
C ALA A 181 1.57 -15.85 -15.59
N SER A 182 0.85 -14.85 -15.09
CA SER A 182 0.58 -14.71 -13.67
C SER A 182 -0.23 -15.86 -13.10
N LYS A 183 -1.14 -16.39 -13.88
CA LYS A 183 -2.01 -17.45 -13.40
C LYS A 183 -1.21 -18.74 -13.20
N ALA A 184 -0.40 -19.08 -14.19
CA ALA A 184 0.38 -20.28 -14.13
C ALA A 184 1.35 -20.17 -12.94
N PHE A 185 2.01 -19.02 -12.85
CA PHE A 185 2.83 -18.74 -11.70
C PHE A 185 2.13 -19.06 -10.38
N SER A 186 0.87 -18.69 -10.24
CA SER A 186 0.21 -18.92 -8.94
C SER A 186 -0.08 -20.37 -8.68
N SER A 187 -0.56 -21.07 -9.69
CA SER A 187 -0.88 -22.47 -9.47
C SER A 187 0.40 -23.22 -9.09
N LEU A 188 1.54 -22.86 -9.70
CA LEU A 188 2.81 -23.53 -9.34
C LEU A 188 3.29 -23.14 -7.96
N SER A 189 3.34 -21.83 -7.74
CA SER A 189 3.94 -21.30 -6.56
C SER A 189 3.11 -21.62 -5.33
N ASP A 190 1.81 -21.40 -5.42
CA ASP A 190 0.94 -21.54 -4.26
C ASP A 190 0.36 -22.93 -4.07
N SER A 191 0.26 -23.73 -5.13
CA SER A 191 -0.49 -25.00 -5.03
C SER A 191 0.25 -26.26 -5.38
N GLU A 192 0.90 -26.28 -6.54
CA GLU A 192 1.28 -27.57 -7.12
C GLU A 192 2.71 -28.00 -6.86
N ILE A 193 3.64 -27.07 -6.86
CA ILE A 193 4.98 -27.48 -6.54
C ILE A 193 4.94 -27.95 -5.09
N PRO A 194 5.51 -29.12 -4.80
CA PRO A 194 5.43 -29.59 -3.42
C PRO A 194 6.39 -28.87 -2.47
N PHE A 195 5.92 -28.62 -1.26
CA PHE A 195 6.76 -28.06 -0.22
C PHE A 195 7.59 -29.16 0.41
N GLY A 196 8.67 -28.76 1.09
CA GLY A 196 9.54 -29.72 1.76
C GLY A 196 9.40 -29.61 3.26
N GLN A 197 10.47 -29.93 3.97
CA GLN A 197 10.46 -29.95 5.44
C GLN A 197 11.59 -29.18 6.09
N ALA A 198 11.23 -28.36 7.07
CA ALA A 198 12.23 -27.77 7.94
C ALA A 198 12.57 -28.75 9.08
N THR A 199 13.65 -28.45 9.81
CA THR A 199 14.06 -29.21 11.00
C THR A 199 14.53 -28.28 12.12
N ASP A 200 14.17 -28.58 13.36
CA ASP A 200 14.70 -27.81 14.48
C ASP A 200 15.97 -28.43 15.05
N SER A 201 16.48 -27.84 16.12
CA SER A 201 17.73 -28.32 16.72
C SER A 201 17.56 -29.72 17.25
N GLU A 202 16.43 -29.98 17.89
CA GLU A 202 16.14 -31.32 18.39
C GLU A 202 16.26 -32.28 17.23
N GLY A 203 15.34 -32.16 16.28
CA GLY A 203 15.31 -33.02 15.11
C GLY A 203 13.87 -33.27 14.72
N ASN A 204 12.94 -32.54 15.35
CA ASN A 204 11.55 -32.50 14.91
C ASN A 204 11.47 -31.86 13.55
N SER A 205 10.85 -32.53 12.58
CA SER A 205 10.66 -31.86 11.31
C SER A 205 9.36 -31.09 11.34
N HIS A 206 9.38 -29.92 10.72
CA HIS A 206 8.22 -29.07 10.63
C HIS A 206 7.96 -28.91 9.15
N PRO A 207 6.81 -29.39 8.66
CA PRO A 207 6.52 -29.27 7.23
C PRO A 207 6.15 -27.83 6.87
N LEU A 208 6.29 -27.49 5.59
CA LEU A 208 6.34 -26.08 5.18
C LEU A 208 5.16 -25.61 4.37
N SER A 209 4.96 -24.31 4.42
CA SER A 209 3.94 -23.64 3.69
C SER A 209 4.39 -22.19 3.61
N HIS A 210 3.77 -21.39 2.77
CA HIS A 210 4.14 -20.00 2.75
C HIS A 210 4.00 -19.35 4.12
N ALA A 211 2.88 -19.61 4.80
CA ALA A 211 2.66 -19.01 6.11
C ALA A 211 3.59 -19.57 7.17
N LEU A 212 3.89 -20.86 7.12
CA LEU A 212 4.86 -21.44 8.03
C LEU A 212 6.28 -20.91 7.77
N ALA A 213 6.66 -20.81 6.50
CA ALA A 213 7.96 -20.26 6.13
C ALA A 213 8.16 -18.89 6.76
N SER A 214 7.12 -18.07 6.75
CA SER A 214 7.24 -16.73 7.37
C SER A 214 7.40 -16.82 8.87
N LEU A 215 6.72 -17.79 9.48
CA LEU A 215 6.79 -18.00 10.91
C LEU A 215 8.20 -18.45 11.28
N TYR A 216 8.71 -19.45 10.57
CA TYR A 216 10.06 -19.91 10.84
C TYR A 216 11.17 -18.86 10.62
N MET A 217 11.01 -17.93 9.67
CA MET A 217 11.96 -16.82 9.51
C MET A 217 12.23 -16.11 10.84
N GLN A 218 11.21 -16.08 11.69
CA GLN A 218 11.30 -15.32 12.93
C GLN A 218 11.62 -16.23 14.08
N SER A 219 11.95 -17.48 13.80
CA SER A 219 12.17 -18.42 14.88
C SER A 219 13.40 -18.10 15.70
N THR A 220 13.44 -18.77 16.84
CA THR A 220 14.48 -18.57 17.80
C THR A 220 15.51 -19.67 17.64
N ASP A 221 15.13 -20.72 16.91
CA ASP A 221 15.98 -21.86 16.66
C ASP A 221 16.66 -21.69 15.29
N ARG A 222 17.94 -21.38 15.30
CA ARG A 222 18.64 -21.14 14.05
C ARG A 222 18.50 -22.27 13.04
N GLU A 223 18.37 -23.50 13.51
CA GLU A 223 18.38 -24.66 12.62
C GLU A 223 17.08 -24.73 11.81
N LEU A 224 15.99 -24.34 12.47
CA LEU A 224 14.70 -24.18 11.85
C LEU A 224 14.77 -23.08 10.80
N ARG A 225 15.35 -21.93 11.17
CA ARG A 225 15.45 -20.82 10.22
C ARG A 225 16.22 -21.29 9.01
N LYS A 226 17.30 -22.02 9.25
CA LYS A 226 18.21 -22.43 8.20
C LYS A 226 17.58 -23.46 7.27
N THR A 227 17.00 -24.53 7.82
CA THR A 227 16.48 -25.62 6.95
C THR A 227 15.20 -25.21 6.22
N SER A 228 14.51 -24.24 6.82
CA SER A 228 13.32 -23.65 6.24
C SER A 228 13.67 -22.78 5.03
N TYR A 229 14.56 -21.82 5.23
CA TYR A 229 15.12 -21.03 4.13
C TYR A 229 15.68 -21.90 3.00
N LEU A 230 16.55 -22.85 3.34
CA LEU A 230 17.15 -23.71 2.32
C LEU A 230 16.11 -24.54 1.60
N ALA A 231 15.09 -25.02 2.31
CA ALA A 231 14.09 -25.83 1.61
C ALA A 231 13.29 -24.93 0.65
N GLN A 232 12.96 -23.71 1.09
CA GLN A 232 12.30 -22.80 0.18
C GLN A 232 13.12 -22.57 -1.08
N CYS A 233 14.43 -22.41 -0.96
CA CYS A 233 15.22 -22.21 -2.17
C CYS A 233 15.16 -23.43 -3.09
N GLU A 234 15.24 -24.62 -2.51
CA GLU A 234 15.22 -25.83 -3.34
C GLU A 234 13.89 -25.97 -4.09
N ARG A 235 12.80 -25.61 -3.44
CA ARG A 235 11.50 -25.66 -4.07
C ARG A 235 11.50 -24.88 -5.39
N TYR A 236 12.01 -23.66 -5.37
CA TYR A 236 11.95 -22.83 -6.56
C TYR A 236 13.04 -23.19 -7.56
N HIS A 237 14.21 -23.51 -7.04
CA HIS A 237 15.32 -23.82 -7.90
C HIS A 237 14.93 -24.93 -8.85
N SER A 238 14.22 -25.93 -8.35
CA SER A 238 13.86 -27.04 -9.23
C SER A 238 12.84 -26.69 -10.34
N TYR A 239 12.16 -25.56 -10.27
CA TYR A 239 11.32 -25.13 -11.40
C TYR A 239 11.83 -23.81 -12.01
N ARG A 240 13.13 -23.60 -11.88
CA ARG A 240 13.77 -22.36 -12.29
C ARG A 240 13.58 -22.00 -13.77
N HIS A 241 13.61 -22.96 -14.68
CA HIS A 241 13.43 -22.63 -16.10
C HIS A 241 12.01 -22.17 -16.40
N THR A 242 11.05 -22.78 -15.70
CA THR A 242 9.65 -22.48 -15.90
C THR A 242 9.30 -21.11 -15.30
N PHE A 243 9.80 -20.84 -14.13
CA PHE A 243 9.60 -19.52 -13.58
C PHE A 243 10.26 -18.46 -14.43
N ALA A 244 11.43 -18.73 -14.98
CA ALA A 244 12.07 -17.79 -15.92
C ALA A 244 11.19 -17.58 -17.13
N ASN A 245 10.70 -18.67 -17.71
CA ASN A 245 9.81 -18.50 -18.86
C ASN A 245 8.64 -17.61 -18.52
N LEU A 246 8.02 -17.89 -17.38
CA LEU A 246 6.80 -17.22 -17.02
C LEU A 246 7.08 -15.76 -16.75
N LEU A 247 8.21 -15.46 -16.16
CA LEU A 247 8.53 -14.07 -15.84
C LEU A 247 8.92 -13.31 -17.12
N ASN A 248 9.78 -13.91 -17.93
CA ASN A 248 10.04 -13.39 -19.27
C ASN A 248 8.75 -13.04 -19.96
N GLY A 249 7.76 -13.91 -19.87
CA GLY A 249 6.46 -13.66 -20.49
C GLY A 249 5.78 -12.39 -19.97
N LYS A 250 5.67 -12.26 -18.65
CA LYS A 250 5.13 -11.06 -18.02
C LYS A 250 5.89 -9.82 -18.50
N ILE A 251 7.21 -9.84 -18.33
CA ILE A 251 7.97 -8.68 -18.72
C ILE A 251 7.76 -8.33 -20.20
N GLN A 252 7.70 -9.33 -21.06
CA GLN A 252 7.47 -9.08 -22.48
C GLN A 252 6.06 -8.52 -22.67
N ALA A 253 5.15 -8.90 -21.79
CA ALA A 253 3.82 -8.31 -21.82
C ALA A 253 3.92 -6.79 -21.63
N HIS A 254 4.65 -6.36 -20.60
CA HIS A 254 4.80 -4.94 -20.36
C HIS A 254 5.45 -4.26 -21.54
N VAL A 255 6.44 -4.90 -22.13
CA VAL A 255 7.11 -4.34 -23.31
C VAL A 255 6.14 -4.18 -24.47
N PHE A 256 5.24 -5.15 -24.62
CA PHE A 256 4.26 -5.08 -25.68
C PHE A 256 3.37 -3.86 -25.49
N TYR A 257 2.80 -3.72 -24.30
CA TYR A 257 1.91 -2.60 -24.02
C TYR A 257 2.62 -1.25 -24.07
N ALA A 258 3.84 -1.19 -23.55
CA ALA A 258 4.59 0.06 -23.50
C ALA A 258 4.89 0.60 -24.88
N LYS A 259 5.45 -0.23 -25.75
CA LYS A 259 5.94 0.28 -27.00
C LYS A 259 4.78 0.58 -27.97
N ASN A 260 3.62 -0.01 -27.75
CA ASN A 260 2.47 0.32 -28.59
C ASN A 260 1.63 1.48 -28.07
N LYS A 261 1.89 1.96 -26.87
CA LYS A 261 1.18 3.14 -26.43
C LYS A 261 2.06 4.39 -26.47
N ARG A 262 3.20 4.25 -27.14
CA ARG A 262 4.08 5.38 -27.45
C ARG A 262 4.93 5.79 -26.26
N TYR A 263 5.20 4.86 -25.36
CA TYR A 263 6.15 5.12 -24.29
C TYR A 263 7.52 4.63 -24.70
N ASN A 264 8.57 5.22 -24.15
CA ASN A 264 9.95 4.90 -24.47
C ASN A 264 10.57 3.80 -23.62
N SER A 265 9.79 3.24 -22.70
CA SER A 265 10.25 2.17 -21.82
C SER A 265 9.08 1.84 -20.92
N CYS A 266 9.16 0.71 -20.21
CA CYS A 266 8.03 0.24 -19.41
C CYS A 266 7.90 1.06 -18.15
N LEU A 267 9.06 1.45 -17.61
CA LEU A 267 9.11 2.37 -16.48
C LEU A 267 8.29 3.63 -16.75
N GLN A 268 8.50 4.26 -17.90
CA GLN A 268 7.78 5.51 -18.22
C GLN A 268 6.32 5.21 -18.35
N ALA A 269 6.00 4.04 -18.90
CA ALA A 269 4.61 3.61 -19.02
C ALA A 269 3.94 3.54 -17.65
N ALA A 270 4.65 2.99 -16.68
CA ALA A 270 4.12 2.84 -15.33
C ALA A 270 4.12 4.12 -14.50
N LEU A 271 5.05 5.03 -14.79
CA LEU A 271 5.22 6.21 -13.96
C LEU A 271 4.35 7.38 -14.43
N TYR A 272 3.74 7.22 -15.58
CA TYR A 272 3.05 8.33 -16.23
C TYR A 272 1.78 8.74 -15.50
N HIS A 273 0.97 7.76 -15.16
CA HIS A 273 -0.28 8.02 -14.48
C HIS A 273 -0.08 9.04 -13.36
N ASN A 274 0.89 8.76 -12.50
CA ASN A 274 1.18 9.63 -11.36
C ASN A 274 2.14 10.75 -11.70
N ASN A 275 2.49 10.85 -12.99
CA ASN A 275 3.40 11.87 -13.44
C ASN A 275 4.75 11.89 -12.70
N ILE A 276 5.37 10.72 -12.54
CA ILE A 276 6.65 10.65 -11.87
C ILE A 276 7.81 10.64 -12.88
N PRO A 277 8.79 11.54 -12.68
CA PRO A 277 9.95 11.53 -13.58
C PRO A 277 10.77 10.28 -13.32
N THR A 278 11.27 9.65 -14.37
CA THR A 278 12.03 8.41 -14.21
C THR A 278 13.20 8.67 -13.28
N THR A 279 13.65 9.91 -13.22
CA THR A 279 14.84 10.17 -12.45
C THR A 279 14.60 9.93 -10.97
N VAL A 280 13.36 10.08 -10.54
CA VAL A 280 13.08 9.89 -9.13
C VAL A 280 13.27 8.41 -8.82
N TYR A 281 12.76 7.56 -9.70
CA TYR A 281 12.86 6.13 -9.52
C TYR A 281 14.35 5.80 -9.56
N THR A 282 14.97 6.24 -10.62
CA THR A 282 16.36 6.01 -10.85
C THR A 282 17.31 6.50 -9.74
N ASN A 283 17.06 7.67 -9.16
CA ASN A 283 17.98 8.16 -8.13
C ASN A 283 17.72 7.49 -6.80
N LEU A 284 16.50 7.06 -6.60
CA LEU A 284 16.18 6.35 -5.40
C LEU A 284 17.09 5.11 -5.37
N ILE A 285 17.13 4.38 -6.47
CA ILE A 285 17.99 3.20 -6.54
C ILE A 285 19.47 3.53 -6.28
N ASP A 286 19.96 4.59 -6.92
CA ASP A 286 21.36 4.95 -6.81
C ASP A 286 21.67 5.35 -5.38
N ILE A 287 20.88 6.26 -4.81
CA ILE A 287 21.19 6.73 -3.46
C ILE A 287 21.12 5.60 -2.46
N VAL A 288 20.12 4.72 -2.61
CA VAL A 288 19.97 3.63 -1.68
C VAL A 288 21.16 2.67 -1.75
N LYS A 289 21.57 2.28 -2.96
CA LYS A 289 22.78 1.47 -3.10
C LYS A 289 23.99 2.11 -2.45
N LYS A 290 24.19 3.41 -2.64
CA LYS A 290 25.31 4.08 -2.00
C LYS A 290 25.19 4.12 -0.48
N ASN A 291 24.02 3.75 0.08
CA ASN A 291 23.91 3.66 1.54
C ASN A 291 23.82 2.25 2.05
N SER A 292 24.16 1.31 1.17
CA SER A 292 24.27 -0.10 1.53
C SER A 292 24.95 -0.27 2.87
N SER A 293 25.90 0.61 3.16
CA SER A 293 26.63 0.53 4.43
C SER A 293 25.69 0.53 5.63
N LEU A 294 24.50 1.10 5.45
CA LEU A 294 23.57 1.11 6.56
C LEU A 294 23.07 -0.30 6.84
N ILE A 295 22.88 -1.09 5.80
CA ILE A 295 22.57 -2.49 5.97
C ILE A 295 23.72 -3.13 6.72
N THR A 296 24.95 -2.96 6.20
CA THR A 296 26.11 -3.53 6.85
C THR A 296 26.12 -3.20 8.35
N LYS A 297 25.94 -1.93 8.71
CA LYS A 297 25.96 -1.57 10.14
C LYS A 297 24.96 -2.37 10.95
N TYR A 298 23.69 -2.29 10.53
CA TYR A 298 22.58 -2.86 11.30
C TYR A 298 22.72 -4.34 11.49
N PHE A 299 22.94 -5.07 10.39
CA PHE A 299 23.11 -6.52 10.47
C PHE A 299 24.27 -7.00 11.35
N SER A 300 25.39 -6.28 11.40
CA SER A 300 26.49 -6.73 12.27
C SER A 300 26.08 -6.62 13.72
N ILE A 301 25.32 -5.57 14.04
CA ILE A 301 24.82 -5.49 15.39
C ILE A 301 24.05 -6.76 15.67
N LYS A 302 23.16 -7.13 14.75
CA LYS A 302 22.38 -8.35 14.91
C LYS A 302 23.30 -9.57 15.04
N GLN A 303 24.31 -9.67 14.17
CA GLN A 303 25.30 -10.76 14.28
C GLN A 303 26.06 -10.83 15.62
N ARG A 304 26.63 -9.72 16.08
CA ARG A 304 27.34 -9.71 17.36
C ARG A 304 26.39 -10.07 18.49
N CYS A 305 25.16 -9.61 18.39
CA CYS A 305 24.24 -9.83 19.48
C CYS A 305 23.68 -11.24 19.53
N LEU A 306 23.82 -11.97 18.44
CA LEU A 306 23.31 -13.32 18.36
C LEU A 306 24.47 -14.30 18.52
N ASN A 307 25.68 -13.75 18.66
CA ASN A 307 26.88 -14.59 18.83
C ASN A 307 27.07 -15.56 17.70
N LEU A 308 26.89 -15.10 16.47
CA LEU A 308 27.01 -15.98 15.33
C LEU A 308 28.31 -15.71 14.62
N LYS A 309 28.97 -16.74 14.10
CA LYS A 309 30.23 -16.49 13.41
C LYS A 309 30.05 -15.93 12.01
N ASP A 310 28.86 -16.10 11.44
CA ASP A 310 28.57 -15.41 10.17
C ASP A 310 27.08 -15.08 10.06
N PHE A 311 26.66 -14.44 8.99
CA PHE A 311 25.29 -13.93 9.00
C PHE A 311 24.65 -14.22 7.69
N HIS A 312 23.65 -15.10 7.75
CA HIS A 312 23.02 -15.60 6.55
C HIS A 312 21.70 -14.88 6.35
N PHE A 313 21.19 -14.92 5.13
CA PHE A 313 19.89 -14.33 4.87
C PHE A 313 18.84 -14.86 5.83
N TYR A 314 19.02 -16.08 6.33
CA TYR A 314 18.03 -16.63 7.25
C TYR A 314 18.28 -16.16 8.67
N ASP A 315 19.14 -15.18 8.85
CA ASP A 315 19.40 -14.67 10.18
C ASP A 315 18.74 -13.33 10.35
N VAL A 316 18.47 -12.71 9.20
CA VAL A 316 17.92 -11.37 9.10
C VAL A 316 16.71 -11.07 10.00
N TYR A 317 15.82 -12.04 10.24
CA TYR A 317 14.63 -11.73 11.02
C TYR A 317 14.60 -12.39 12.39
N ALA A 318 15.71 -13.03 12.76
CA ALA A 318 15.86 -13.59 14.09
C ALA A 318 15.65 -12.51 15.15
N PRO A 319 15.03 -12.85 16.28
CA PRO A 319 14.86 -11.84 17.31
C PRO A 319 16.13 -11.69 18.15
N LEU A 320 16.33 -10.51 18.73
CA LEU A 320 17.47 -10.27 19.60
C LEU A 320 17.09 -10.43 21.05
N SER A 321 15.85 -10.11 21.39
CA SER A 321 15.42 -10.14 22.78
C SER A 321 14.01 -10.66 22.88
N GLN A 322 13.54 -10.86 24.11
CA GLN A 322 12.26 -11.50 24.33
C GLN A 322 11.40 -10.72 25.32
N GLU A 325 5.91 -8.20 27.22
CA GLU A 325 4.80 -9.08 26.85
C GLU A 325 3.49 -8.58 27.49
N LYS A 326 3.42 -7.28 27.72
CA LYS A 326 2.31 -6.67 28.44
C LYS A 326 0.96 -6.81 27.71
N LYS A 327 -0.12 -6.52 28.43
CA LYS A 327 -1.45 -6.56 27.85
C LYS A 327 -2.15 -5.24 28.13
N TYR A 328 -2.87 -4.72 27.13
CA TYR A 328 -3.47 -3.39 27.24
C TYR A 328 -4.98 -3.49 27.08
N THR A 329 -5.73 -2.86 27.98
CA THR A 329 -7.15 -2.70 27.72
C THR A 329 -7.31 -1.74 26.55
N PHE A 330 -8.51 -1.69 25.96
CA PHE A 330 -8.72 -0.72 24.92
C PHE A 330 -8.35 0.65 25.49
N GLN A 331 -8.96 0.98 26.63
CA GLN A 331 -8.68 2.23 27.31
C GLN A 331 -7.20 2.48 27.34
N GLU A 332 -6.44 1.50 27.81
CA GLU A 332 -5.00 1.70 27.93
C GLU A 332 -4.34 1.91 26.60
N ALA A 333 -4.83 1.24 25.57
CA ALA A 333 -4.24 1.42 24.23
C ALA A 333 -4.39 2.88 23.84
N VAL A 334 -5.61 3.39 23.98
CA VAL A 334 -5.88 4.79 23.72
C VAL A 334 -4.98 5.75 24.50
N ASP A 335 -4.85 5.55 25.80
CA ASP A 335 -3.99 6.43 26.59
C ASP A 335 -2.58 6.42 26.03
N LEU A 336 -2.16 5.25 25.56
CA LEU A 336 -0.84 5.07 24.99
C LEU A 336 -0.71 5.86 23.68
N ILE A 337 -1.65 5.64 22.76
CA ILE A 337 -1.67 6.37 21.51
C ILE A 337 -1.61 7.86 21.81
N TYR A 338 -2.52 8.30 22.68
CA TYR A 338 -2.68 9.71 23.00
C TYR A 338 -1.36 10.38 23.41
N THR A 339 -0.58 9.75 24.27
CA THR A 339 0.68 10.36 24.64
C THR A 339 1.75 10.14 23.59
N SER A 340 1.69 9.00 22.92
CA SER A 340 2.71 8.66 21.93
C SER A 340 2.68 9.53 20.68
N LEU A 341 1.51 9.98 20.30
CA LEU A 341 1.38 10.76 19.10
C LEU A 341 1.38 12.26 19.39
N SER A 342 1.55 12.65 20.66
CA SER A 342 1.50 14.08 21.01
C SER A 342 2.33 15.04 20.13
N PRO A 343 3.47 14.60 19.61
CA PRO A 343 4.14 15.54 18.68
C PRO A 343 3.28 15.89 17.45
N LEU A 344 2.16 15.21 17.23
CA LEU A 344 1.30 15.58 16.12
C LEU A 344 0.34 16.69 16.53
N GLY A 345 0.45 17.10 17.78
CA GLY A 345 -0.32 18.23 18.25
C GLY A 345 -1.61 17.89 18.97
N THR A 346 -1.98 18.75 19.90
CA THR A 346 -3.20 18.63 20.68
C THR A 346 -4.40 18.31 19.81
N GLU A 347 -4.52 19.01 18.69
CA GLU A 347 -5.72 18.88 17.89
C GLU A 347 -5.85 17.53 17.22
N TYR A 348 -4.76 17.05 16.60
CA TYR A 348 -4.74 15.71 16.01
C TYR A 348 -5.08 14.68 17.08
N ILE A 349 -4.36 14.75 18.19
CA ILE A 349 -4.46 13.79 19.26
C ILE A 349 -5.89 13.70 19.83
N ASP A 350 -6.57 14.83 19.95
CA ASP A 350 -7.93 14.84 20.51
C ASP A 350 -8.92 14.30 19.51
N THR A 351 -8.87 14.79 18.28
CA THR A 351 -9.77 14.27 17.27
C THR A 351 -9.72 12.74 17.18
N LEU A 352 -8.52 12.18 17.17
CA LEU A 352 -8.35 10.74 17.12
C LEU A 352 -8.91 10.09 18.37
N LYS A 353 -8.64 10.69 19.52
CA LYS A 353 -9.13 10.14 20.76
C LYS A 353 -10.66 10.17 20.76
N GLN A 354 -11.25 11.27 20.32
CA GLN A 354 -12.72 11.36 20.24
C GLN A 354 -13.31 10.30 19.33
N GLY A 355 -12.64 10.05 18.20
CA GLY A 355 -13.09 9.01 17.27
C GLY A 355 -13.04 7.61 17.84
N LEU A 356 -12.01 7.32 18.61
CA LEU A 356 -11.83 6.03 19.21
C LEU A 356 -12.72 5.80 20.41
N THR A 357 -13.24 6.86 21.01
CA THR A 357 -13.97 6.68 22.26
C THR A 357 -15.42 7.20 22.37
N THR A 358 -15.76 8.31 21.72
CA THR A 358 -17.15 8.83 21.83
C THR A 358 -17.83 9.06 20.48
N GLN A 359 -17.08 9.14 19.40
CA GLN A 359 -17.65 9.45 18.09
C GLN A 359 -18.13 8.22 17.32
N GLY A 360 -17.86 7.03 17.86
CA GLY A 360 -18.26 5.79 17.20
C GLY A 360 -17.53 5.42 15.91
N TRP A 361 -16.25 5.74 15.82
CA TRP A 361 -15.48 5.40 14.63
C TRP A 361 -15.16 3.89 14.58
N VAL A 362 -14.96 3.31 15.76
CA VAL A 362 -14.32 2.02 15.92
C VAL A 362 -15.28 0.89 16.24
N ASP A 363 -15.21 -0.16 15.45
CA ASP A 363 -15.71 -1.44 15.89
C ASP A 363 -14.59 -2.21 16.58
N LYS A 364 -14.60 -2.26 17.91
CA LYS A 364 -13.41 -2.71 18.66
C LYS A 364 -12.98 -4.17 18.67
N TYR A 365 -13.92 -5.09 18.81
CA TYR A 365 -13.58 -6.44 19.29
C TYR A 365 -14.05 -7.57 18.38
N GLU A 366 -13.52 -8.76 18.61
CA GLU A 366 -13.93 -9.92 17.82
C GLU A 366 -15.36 -10.26 18.15
N ASN A 367 -16.13 -10.66 17.15
CA ASN A 367 -17.34 -11.42 17.43
C ASN A 367 -17.52 -12.50 16.38
N LEU A 368 -18.45 -13.40 16.63
CA LEU A 368 -18.60 -14.54 15.76
C LEU A 368 -18.76 -14.03 14.32
N ASN A 369 -17.88 -14.46 13.43
CA ASN A 369 -17.99 -14.16 12.00
C ASN A 369 -17.77 -12.70 11.56
N LYS A 370 -17.19 -11.89 12.45
CA LYS A 370 -16.76 -10.55 12.09
C LYS A 370 -15.57 -10.66 11.16
N ARG A 371 -15.49 -9.82 10.12
CA ARG A 371 -14.33 -9.80 9.22
C ARG A 371 -13.03 -9.80 10.04
N SER A 372 -12.02 -10.53 9.55
CA SER A 372 -10.70 -10.60 10.22
C SER A 372 -9.81 -9.38 10.00
N GLY A 373 -8.77 -9.28 10.82
CA GLY A 373 -7.74 -8.27 10.66
C GLY A 373 -8.24 -6.87 11.00
N ALA A 374 -7.87 -5.88 10.17
CA ALA A 374 -8.15 -4.46 10.45
C ALA A 374 -8.12 -3.57 9.21
N TYR A 375 -8.85 -2.46 9.28
CA TYR A 375 -8.85 -1.47 8.20
C TYR A 375 -9.52 -0.16 8.59
N SER A 376 -9.38 0.83 7.70
CA SER A 376 -10.10 2.09 7.76
C SER A 376 -10.92 2.22 6.51
N SER A 377 -12.11 2.76 6.64
CA SER A 377 -12.96 2.92 5.50
C SER A 377 -13.87 4.10 5.80
N GLY A 378 -14.87 4.32 4.95
CA GLY A 378 -15.77 5.44 5.10
C GLY A 378 -15.86 6.04 3.73
N CYS A 379 -16.61 7.11 3.58
CA CYS A 379 -16.61 7.80 2.30
C CYS A 379 -16.73 9.26 2.58
N TYR A 380 -16.92 10.03 1.52
CA TYR A 380 -16.92 11.48 1.61
C TYR A 380 -17.88 11.97 2.66
N ASP A 381 -19.00 11.29 2.79
CA ASP A 381 -20.07 11.76 3.68
C ASP A 381 -20.02 11.27 5.15
N SER A 382 -19.22 10.25 5.41
CA SER A 382 -19.13 9.67 6.75
C SER A 382 -17.89 10.14 7.50
N HIS A 383 -17.83 9.89 8.80
CA HIS A 383 -16.55 9.98 9.46
C HIS A 383 -15.83 8.70 9.10
N PRO A 384 -14.53 8.57 9.45
CA PRO A 384 -13.83 7.34 9.10
C PRO A 384 -14.32 6.20 9.99
N TYR A 385 -14.23 4.98 9.50
CA TYR A 385 -14.69 3.86 10.28
C TYR A 385 -13.53 2.92 10.37
N VAL A 386 -13.21 2.52 11.57
CA VAL A 386 -12.10 1.63 11.78
C VAL A 386 -12.63 0.30 12.25
N LEU A 387 -12.38 -0.74 11.46
CA LEU A 387 -12.62 -2.10 11.92
C LEU A 387 -11.37 -2.72 12.58
N LEU A 388 -11.52 -3.04 13.86
CA LEU A 388 -10.47 -3.70 14.65
C LEU A 388 -10.91 -5.11 15.07
N ASN A 389 -9.93 -5.92 15.47
CA ASN A 389 -10.18 -7.17 16.19
C ASN A 389 -9.32 -7.16 17.44
N TYR A 390 -9.61 -6.21 18.32
CA TYR A 390 -8.68 -5.82 19.35
C TYR A 390 -8.45 -6.95 20.34
N THR A 391 -7.20 -7.39 20.52
CA THR A 391 -6.93 -8.52 21.43
C THR A 391 -6.07 -8.18 22.65
N GLY A 392 -5.43 -7.02 22.64
CA GLY A 392 -4.75 -6.54 23.84
C GLY A 392 -3.23 -6.54 23.83
N THR A 393 -2.63 -6.86 22.69
CA THR A 393 -1.17 -6.95 22.61
C THR A 393 -0.56 -5.66 22.08
N LEU A 394 0.76 -5.54 22.17
CA LEU A 394 1.45 -4.39 21.63
C LEU A 394 1.24 -4.29 20.11
N TYR A 395 1.25 -5.43 19.42
CA TYR A 395 0.90 -5.45 18.00
C TYR A 395 -0.46 -4.79 17.76
N ASP A 396 -1.47 -5.15 18.57
CA ASP A 396 -2.78 -4.50 18.54
C ASP A 396 -2.70 -2.98 18.61
N VAL A 397 -2.02 -2.48 19.63
CA VAL A 397 -1.88 -1.04 19.84
C VAL A 397 -1.38 -0.37 18.56
N SER A 398 -0.35 -0.94 17.94
CA SER A 398 0.21 -0.33 16.75
C SER A 398 -0.75 -0.39 15.54
N VAL A 399 -1.64 -1.38 15.54
CA VAL A 399 -2.65 -1.48 14.50
C VAL A 399 -3.64 -0.31 14.64
N ILE A 400 -3.98 0.05 15.88
CA ILE A 400 -4.74 1.26 16.11
C ILE A 400 -3.96 2.48 15.60
N ALA A 401 -2.66 2.55 15.89
CA ALA A 401 -1.84 3.66 15.41
C ALA A 401 -1.81 3.70 13.89
N HIS A 402 -1.71 2.52 13.26
CA HIS A 402 -1.72 2.42 11.81
C HIS A 402 -3.06 2.87 11.21
N GLU A 403 -4.14 2.25 11.67
CA GLU A 403 -5.46 2.55 11.14
C GLU A 403 -5.88 3.96 11.51
N GLY A 404 -5.47 4.42 12.69
CA GLY A 404 -5.69 5.83 13.08
C GLY A 404 -5.03 6.80 12.10
N GLY A 405 -3.87 6.41 11.60
CA GLY A 405 -3.21 7.17 10.57
C GLY A 405 -4.02 7.30 9.29
N HIS A 406 -4.47 6.18 8.71
CA HIS A 406 -5.28 6.23 7.47
C HIS A 406 -6.50 7.05 7.74
N SER A 407 -7.09 6.83 8.91
CA SER A 407 -8.33 7.45 9.27
C SER A 407 -8.23 8.97 9.36
N MET A 408 -7.27 9.48 10.12
CA MET A 408 -7.04 10.91 10.18
C MET A 408 -6.72 11.51 8.81
N HIS A 409 -5.88 10.82 8.03
CA HIS A 409 -5.58 11.26 6.66
C HIS A 409 -6.91 11.50 5.95
N SER A 410 -7.77 10.48 5.95
CA SER A 410 -9.04 10.54 5.21
C SER A 410 -9.97 11.61 5.75
N TYR A 411 -10.00 11.73 7.07
CA TYR A 411 -10.82 12.66 7.74
C TYR A 411 -10.40 14.05 7.30
N PHE A 412 -9.12 14.37 7.43
CA PHE A 412 -8.61 15.68 7.06
C PHE A 412 -8.88 16.02 5.59
N SER A 413 -8.69 15.06 4.70
CA SER A 413 -8.89 15.26 3.27
C SER A 413 -10.34 15.52 2.89
N ARG A 414 -11.25 14.82 3.55
CA ARG A 414 -12.68 14.96 3.26
C ARG A 414 -13.21 16.31 3.73
N LYS A 415 -12.73 16.72 4.91
CA LYS A 415 -13.04 18.01 5.49
C LYS A 415 -12.53 19.19 4.65
N HIS A 416 -11.48 19.01 3.86
CA HIS A 416 -10.95 20.15 3.12
C HIS A 416 -10.99 20.04 1.60
N GLN A 417 -11.43 18.92 1.03
CA GLN A 417 -11.43 18.82 -0.45
C GLN A 417 -12.80 18.59 -1.03
N PRO A 418 -12.99 18.97 -2.29
CA PRO A 418 -14.27 18.57 -2.81
C PRO A 418 -14.24 17.07 -3.13
N PHE A 419 -15.39 16.51 -3.46
CA PHE A 419 -15.57 15.06 -3.54
C PHE A 419 -14.58 14.47 -4.51
N HIS A 420 -14.43 15.09 -5.66
CA HIS A 420 -13.62 14.47 -6.71
C HIS A 420 -12.10 14.63 -6.45
N ASP A 421 -11.70 15.35 -5.41
CA ASP A 421 -10.30 15.60 -5.18
C ASP A 421 -9.89 14.99 -3.87
N ALA A 422 -10.83 14.42 -3.15
CA ALA A 422 -10.61 14.02 -1.76
C ALA A 422 -9.82 12.74 -1.54
N GLN A 423 -9.88 11.81 -2.48
CA GLN A 423 -9.21 10.54 -2.31
C GLN A 423 -7.75 10.69 -2.71
N TYR A 424 -6.82 10.50 -1.78
CA TYR A 424 -5.39 10.59 -2.11
C TYR A 424 -4.99 9.36 -2.89
N PRO A 425 -4.00 9.46 -3.78
CA PRO A 425 -3.74 8.25 -4.56
C PRO A 425 -2.96 7.21 -3.75
N ILE A 426 -2.81 6.01 -4.31
CA ILE A 426 -2.16 4.89 -3.62
C ILE A 426 -0.73 5.24 -3.23
N PHE A 427 -0.02 5.89 -4.15
CA PHE A 427 1.30 6.38 -3.90
C PHE A 427 1.43 7.11 -2.55
N LEU A 428 0.35 7.67 -2.02
CA LEU A 428 0.48 8.40 -0.75
C LEU A 428 -0.22 7.71 0.41
N ALA A 429 -0.85 6.58 0.15
CA ALA A 429 -1.73 5.96 1.16
C ALA A 429 -1.04 5.26 2.31
N GLU A 430 0.27 5.08 2.24
CA GLU A 430 0.92 4.39 3.33
C GLU A 430 1.70 5.32 4.28
N ILE A 431 1.83 6.59 3.89
CA ILE A 431 2.60 7.55 4.66
C ILE A 431 2.05 7.80 6.07
N ALA A 432 0.77 8.12 6.16
CA ALA A 432 0.18 8.53 7.44
C ALA A 432 0.20 7.39 8.43
N SER A 433 -0.09 6.19 7.95
CA SER A 433 -0.12 5.01 8.80
C SER A 433 1.29 4.66 9.31
N THR A 434 2.26 4.71 8.40
CA THR A 434 3.63 4.35 8.72
C THR A 434 4.22 5.34 9.70
N LEU A 435 4.00 6.63 9.42
CA LEU A 435 4.46 7.67 10.35
C LEU A 435 3.90 7.44 11.75
N ASN A 436 2.61 7.15 11.87
CA ASN A 436 2.06 6.79 13.19
C ASN A 436 2.73 5.58 13.84
N GLU A 437 2.97 4.50 13.09
CA GLU A 437 3.65 3.35 13.66
C GLU A 437 4.97 3.80 14.23
N MET A 438 5.73 4.55 13.43
CA MET A 438 7.09 4.94 13.78
C MET A 438 7.13 5.88 14.98
N LEU A 439 6.26 6.87 14.98
CA LEU A 439 6.10 7.76 16.11
C LEU A 439 5.82 6.99 17.39
N LEU A 440 4.89 6.05 17.34
CA LEU A 440 4.55 5.27 18.53
C LEU A 440 5.80 4.60 19.13
N MET A 441 6.53 3.82 18.31
CA MET A 441 7.81 3.25 18.72
C MET A 441 8.82 4.31 19.21
N ASP A 442 8.97 5.39 18.46
CA ASP A 442 9.84 6.45 18.93
C ASP A 442 9.51 6.92 20.34
N SER A 443 8.23 7.20 20.59
CA SER A 443 7.79 7.70 21.89
C SER A 443 7.95 6.66 22.98
N MET A 444 7.70 5.38 22.65
CA MET A 444 7.78 4.31 23.63
C MET A 444 9.22 4.07 24.08
N LEU A 445 10.17 4.27 23.17
CA LEU A 445 11.59 4.19 23.54
C LEU A 445 11.95 5.26 24.53
N LYS A 446 11.68 6.50 24.16
CA LYS A 446 11.89 7.62 25.05
C LYS A 446 11.30 7.34 26.42
N GLU A 447 10.14 6.70 26.48
CA GLU A 447 9.44 6.57 27.74
C GLU A 447 9.88 5.36 28.52
N SER A 448 10.65 4.50 27.88
CA SER A 448 10.93 3.19 28.44
C SER A 448 12.04 3.22 29.46
N ASP A 449 12.00 2.26 30.39
CA ASP A 449 13.08 2.09 31.35
C ASP A 449 13.81 0.77 31.14
N SER A 450 13.03 -0.28 30.87
CA SER A 450 13.58 -1.61 30.54
C SER A 450 14.45 -1.64 29.28
N LYS A 451 15.63 -2.21 29.40
CA LYS A 451 16.54 -2.33 28.29
C LYS A 451 16.11 -3.44 27.33
N GLU A 452 15.55 -4.53 27.85
CA GLU A 452 15.10 -5.61 26.97
C GLU A 452 14.00 -5.10 26.06
N GLU A 453 13.16 -4.24 26.60
CA GLU A 453 12.09 -3.64 25.82
C GLU A 453 12.71 -2.78 24.71
N LYS A 454 13.53 -1.82 25.11
CA LYS A 454 14.20 -0.97 24.16
C LYS A 454 14.78 -1.74 22.98
N ILE A 455 15.39 -2.88 23.24
CA ILE A 455 15.96 -3.66 22.16
C ILE A 455 14.83 -4.23 21.34
N THR A 456 13.82 -4.77 22.00
CA THR A 456 12.66 -5.29 21.31
C THR A 456 12.09 -4.24 20.37
N ILE A 457 11.81 -3.04 20.88
CA ILE A 457 11.25 -1.96 20.07
C ILE A 457 12.18 -1.53 18.95
N LEU A 458 13.45 -1.32 19.26
CA LEU A 458 14.38 -0.88 18.24
C LEU A 458 14.48 -1.91 17.15
N THR A 459 14.36 -3.18 17.54
CA THR A 459 14.59 -4.24 16.60
C THR A 459 13.40 -4.33 15.62
N ARG A 460 12.19 -4.15 16.15
CA ARG A 460 10.99 -4.25 15.34
C ARG A 460 10.98 -3.11 14.32
N CYS A 461 11.39 -1.96 14.80
CA CYS A 461 11.46 -0.77 14.01
C CYS A 461 12.51 -0.82 12.90
N LEU A 462 13.69 -1.35 13.17
CA LEU A 462 14.67 -1.40 12.09
C LEU A 462 14.36 -2.52 11.09
N ASP A 463 13.89 -3.67 11.60
CA ASP A 463 13.48 -4.76 10.69
C ASP A 463 12.46 -4.24 9.66
N THR A 464 11.50 -3.46 10.15
CA THR A 464 10.48 -2.86 9.31
C THR A 464 11.09 -1.90 8.30
N ILE A 465 11.89 -0.96 8.80
CA ILE A 465 12.57 -0.02 7.93
C ILE A 465 13.43 -0.76 6.90
N PHE A 466 14.23 -1.71 7.36
CA PHE A 466 15.10 -2.43 6.41
C PHE A 466 14.35 -3.30 5.42
N SER A 467 13.24 -3.90 5.82
CA SER A 467 12.49 -4.68 4.84
C SER A 467 11.58 -3.83 3.94
N THR A 468 11.05 -2.73 4.46
CA THR A 468 10.19 -1.97 3.57
C THR A 468 10.94 -0.93 2.74
N LEU A 469 12.14 -0.54 3.16
CA LEU A 469 12.88 0.41 2.34
C LEU A 469 13.94 -0.27 1.47
N PHE A 470 14.97 -0.84 2.10
CA PHE A 470 16.09 -1.43 1.34
C PHE A 470 15.71 -2.62 0.49
N ARG A 471 15.05 -3.60 1.11
CA ARG A 471 14.66 -4.78 0.39
C ARG A 471 13.76 -4.45 -0.78
N GLN A 472 12.85 -3.47 -0.62
CA GLN A 472 11.99 -3.08 -1.76
C GLN A 472 12.77 -2.40 -2.87
N VAL A 473 13.81 -1.68 -2.52
CA VAL A 473 14.56 -0.95 -3.53
C VAL A 473 15.42 -1.96 -4.31
N LEU A 474 15.90 -2.98 -3.60
CA LEU A 474 16.51 -4.08 -4.32
C LEU A 474 15.54 -4.59 -5.38
N PHE A 475 14.31 -4.98 -4.98
CA PHE A 475 13.32 -5.48 -5.93
C PHE A 475 13.22 -4.46 -7.08
N ALA A 476 13.17 -3.18 -6.72
CA ALA A 476 13.02 -2.11 -7.74
C ALA A 476 14.12 -2.08 -8.78
N SER A 477 15.38 -2.20 -8.38
CA SER A 477 16.42 -2.20 -9.42
C SER A 477 16.36 -3.46 -10.25
N PHE A 478 16.07 -4.57 -9.57
CA PHE A 478 15.91 -5.82 -10.28
C PHE A 478 14.87 -5.66 -11.37
N GLU A 479 13.70 -5.16 -10.98
CA GLU A 479 12.60 -5.00 -11.90
C GLU A 479 12.99 -4.00 -13.01
N TYR A 480 13.85 -3.06 -12.65
CA TYR A 480 14.29 -2.11 -13.61
C TYR A 480 15.23 -2.76 -14.63
N ASP A 481 16.23 -3.49 -14.14
CA ASP A 481 17.23 -4.10 -15.05
C ASP A 481 16.63 -5.13 -15.99
N ILE A 482 15.58 -5.83 -15.56
CA ILE A 482 15.07 -6.91 -16.41
C ILE A 482 14.15 -6.39 -17.49
N HIS A 483 13.45 -5.30 -17.20
CA HIS A 483 12.65 -4.66 -18.22
C HIS A 483 13.58 -4.01 -19.23
N HIS A 484 14.63 -3.38 -18.73
CA HIS A 484 15.61 -2.80 -19.61
C HIS A 484 16.12 -3.88 -20.56
N ALA A 485 16.80 -4.87 -20.01
CA ALA A 485 17.26 -6.02 -20.80
C ALA A 485 16.21 -6.46 -21.83
N ALA A 486 15.00 -6.74 -21.39
CA ALA A 486 13.98 -7.16 -22.35
C ALA A 486 13.83 -6.12 -23.48
N GLU A 487 13.62 -4.86 -23.12
CA GLU A 487 13.46 -3.80 -24.11
C GLU A 487 14.49 -3.92 -25.23
N HIS A 488 15.76 -4.19 -24.87
CA HIS A 488 16.83 -4.41 -25.85
C HIS A 488 16.82 -5.80 -26.44
N GLY A 489 15.70 -6.52 -26.33
CA GLY A 489 15.56 -7.90 -26.87
C GLY A 489 16.30 -9.05 -26.19
N VAL A 490 17.12 -8.77 -25.16
CA VAL A 490 17.79 -9.81 -24.38
C VAL A 490 16.74 -10.72 -23.74
N PRO A 491 16.92 -12.06 -23.83
CA PRO A 491 15.89 -12.96 -23.31
C PRO A 491 16.22 -13.35 -21.88
N LEU A 492 15.20 -13.38 -21.04
CA LEU A 492 15.40 -13.49 -19.63
C LEU A 492 15.49 -14.95 -19.21
N THR A 493 16.65 -15.55 -19.45
CA THR A 493 16.84 -16.93 -19.06
C THR A 493 17.06 -17.06 -17.55
N GLU A 494 16.85 -18.25 -17.00
CA GLU A 494 17.16 -18.43 -15.61
C GLU A 494 18.61 -18.03 -15.34
N GLU A 495 19.51 -18.27 -16.28
CA GLU A 495 20.92 -17.97 -16.04
C GLU A 495 21.07 -16.46 -15.85
N TYR A 496 20.40 -15.71 -16.71
CA TYR A 496 20.47 -14.28 -16.67
C TYR A 496 19.81 -13.72 -15.41
N LEU A 497 18.55 -14.07 -15.19
CA LEU A 497 17.82 -13.61 -14.00
C LEU A 497 18.63 -13.87 -12.75
N SER A 498 19.19 -15.06 -12.66
CA SER A 498 19.89 -15.42 -11.46
C SER A 498 21.20 -14.67 -11.26
N SER A 499 21.80 -14.15 -12.33
CA SER A 499 23.05 -13.38 -12.22
C SER A 499 22.74 -11.98 -11.82
N THR A 500 21.81 -11.39 -12.54
CA THR A 500 21.29 -10.08 -12.25
C THR A 500 20.95 -9.99 -10.76
N TYR A 501 20.23 -10.98 -10.26
CA TYR A 501 19.76 -10.90 -8.89
C TYR A 501 20.95 -11.10 -7.94
N LYS A 502 21.89 -11.93 -8.34
CA LYS A 502 23.06 -12.19 -7.49
C LYS A 502 23.92 -10.92 -7.29
N ASN A 503 24.26 -10.26 -8.39
CA ASN A 503 25.01 -9.00 -8.33
C ASN A 503 24.28 -8.03 -7.44
N LEU A 504 22.96 -7.94 -7.62
CA LEU A 504 22.19 -7.06 -6.79
C LEU A 504 22.27 -7.44 -5.32
N GLN A 505 22.11 -8.71 -5.00
CA GLN A 505 22.18 -9.10 -3.59
C GLN A 505 23.52 -8.67 -3.07
N ASN A 506 24.46 -8.62 -3.98
CA ASN A 506 25.80 -8.29 -3.63
C ASN A 506 25.97 -6.81 -3.35
N GLU A 507 25.51 -5.97 -4.27
CA GLU A 507 25.55 -4.51 -4.03
C GLU A 507 24.90 -4.15 -2.70
N PHE A 508 23.93 -4.93 -2.24
CA PHE A 508 23.22 -4.55 -1.03
C PHE A 508 23.77 -5.24 0.18
N TYR A 509 24.15 -6.49 0.02
CA TYR A 509 24.36 -7.31 1.19
C TYR A 509 25.76 -7.88 1.24
N GLY A 510 26.53 -7.61 0.19
CA GLY A 510 27.89 -8.14 0.01
C GLY A 510 28.85 -7.99 1.20
N GLU A 511 28.83 -6.83 1.84
CA GLU A 511 29.75 -6.61 2.94
C GLU A 511 29.34 -7.30 4.22
N ILE A 512 28.21 -7.98 4.27
CA ILE A 512 27.81 -8.53 5.58
C ILE A 512 27.25 -9.94 5.49
N ILE A 513 26.55 -10.26 4.41
CA ILE A 513 25.83 -11.52 4.31
C ILE A 513 26.70 -12.60 3.70
N THR A 514 26.66 -13.79 4.29
CA THR A 514 27.25 -14.93 3.65
C THR A 514 26.16 -15.62 2.83
N PHE A 515 26.39 -15.79 1.54
CA PHE A 515 25.40 -16.38 0.67
C PHE A 515 25.32 -17.88 0.81
N ASP A 516 24.14 -18.45 0.60
CA ASP A 516 24.01 -19.88 0.47
C ASP A 516 23.99 -20.19 -1.01
N VAL A 517 24.09 -21.46 -1.39
CA VAL A 517 24.28 -21.80 -2.80
C VAL A 517 23.07 -21.46 -3.67
N LEU A 518 21.87 -21.38 -3.08
CA LEU A 518 20.69 -21.09 -3.88
C LEU A 518 20.08 -19.74 -3.59
N SER A 519 20.80 -18.93 -2.85
CA SER A 519 20.26 -17.66 -2.36
C SER A 519 19.77 -16.79 -3.49
N ASN A 520 20.39 -16.92 -4.65
CA ASN A 520 20.06 -16.06 -5.75
C ASN A 520 18.85 -16.54 -6.53
N ILE A 521 18.08 -17.48 -5.97
CA ILE A 521 16.88 -17.97 -6.65
C ILE A 521 15.68 -17.13 -6.20
N GLU A 522 15.89 -16.23 -5.23
CA GLU A 522 14.80 -15.46 -4.64
C GLU A 522 13.87 -14.83 -5.66
N TRP A 523 14.43 -14.34 -6.76
CA TRP A 523 13.60 -13.68 -7.75
C TRP A 523 12.43 -14.54 -8.16
N ALA A 524 12.61 -15.85 -8.10
CA ALA A 524 11.54 -16.79 -8.47
C ALA A 524 10.34 -16.85 -7.51
N ARG A 525 10.53 -16.53 -6.22
CA ARG A 525 9.45 -16.61 -5.26
C ARG A 525 8.63 -15.35 -5.16
N ILE A 526 8.99 -14.31 -5.90
CA ILE A 526 8.29 -13.04 -5.79
C ILE A 526 7.16 -12.89 -6.78
N PRO A 527 5.90 -12.88 -6.30
CA PRO A 527 4.67 -12.95 -7.10
C PRO A 527 4.53 -11.90 -8.20
N HIS A 528 3.98 -12.30 -9.36
CA HIS A 528 4.00 -11.48 -10.59
C HIS A 528 3.21 -10.20 -10.46
N PHE A 529 2.33 -10.15 -9.44
CA PHE A 529 1.57 -8.93 -9.13
C PHE A 529 2.44 -7.86 -8.46
N TYR A 530 3.61 -8.29 -7.96
CA TYR A 530 4.71 -7.36 -7.63
C TYR A 530 5.38 -6.85 -8.86
N TYR A 531 4.78 -7.10 -10.00
CA TYR A 531 5.30 -6.47 -11.20
C TYR A 531 4.43 -5.33 -11.80
N ASN A 532 5.08 -4.58 -12.67
CA ASN A 532 4.62 -3.26 -13.10
C ASN A 532 4.92 -2.15 -12.09
N PHE A 533 6.14 -2.17 -11.58
CA PHE A 533 6.72 -1.01 -10.98
C PHE A 533 5.84 -0.32 -9.95
N TYR A 534 5.36 -1.07 -8.97
CA TYR A 534 4.67 -0.36 -7.91
C TYR A 534 5.41 -0.50 -6.59
N VAL A 535 6.16 -1.58 -6.45
CA VAL A 535 6.96 -1.82 -5.26
C VAL A 535 7.84 -0.63 -4.77
N TYR A 536 8.47 0.10 -5.69
CA TYR A 536 9.23 1.29 -5.25
C TYR A 536 8.39 2.21 -4.36
N GLN A 537 7.08 2.25 -4.58
CA GLN A 537 6.21 3.12 -3.78
C GLN A 537 6.20 2.76 -2.30
N TYR A 538 6.58 1.53 -1.96
CA TYR A 538 6.65 1.19 -0.52
C TYR A 538 7.77 1.98 0.11
N ALA A 539 8.88 2.02 -0.61
CA ALA A 539 10.07 2.74 -0.20
C ALA A 539 9.89 4.26 -0.16
N THR A 540 9.34 4.83 -1.23
CA THR A 540 9.09 6.27 -1.23
C THR A 540 8.13 6.62 -0.08
N GLY A 541 7.05 5.88 0.07
CA GLY A 541 6.18 6.05 1.23
C GLY A 541 6.94 6.08 2.56
N ILE A 542 7.77 5.07 2.83
CA ILE A 542 8.49 5.10 4.10
C ILE A 542 9.51 6.24 4.20
N ILE A 543 10.17 6.55 3.08
CA ILE A 543 11.07 7.70 3.06
C ILE A 543 10.30 8.96 3.43
N ALA A 544 9.15 9.18 2.81
CA ALA A 544 8.38 10.39 3.11
C ALA A 544 7.94 10.43 4.56
N ALA A 545 7.49 9.29 5.08
CA ALA A 545 6.97 9.22 6.46
C ALA A 545 8.09 9.55 7.44
N LEU A 546 9.27 8.96 7.19
CA LEU A 546 10.42 9.16 8.05
C LEU A 546 10.93 10.59 7.98
N CYS A 547 10.90 11.19 6.79
CA CYS A 547 11.26 12.58 6.59
C CYS A 547 10.36 13.50 7.38
N PHE A 548 9.06 13.45 7.11
CA PHE A 548 8.07 14.22 7.87
C PHE A 548 8.27 14.06 9.35
N LEU A 549 8.43 12.82 9.77
CA LEU A 549 8.58 12.52 11.20
C LEU A 549 9.84 13.15 11.82
N GLU A 550 10.97 13.01 11.14
CA GLU A 550 12.23 13.54 11.65
C GLU A 550 12.15 15.06 11.84
N LYS A 551 11.62 15.77 10.85
CA LYS A 551 11.41 17.20 10.97
C LYS A 551 10.53 17.52 12.17
N ILE A 552 9.50 16.71 12.41
CA ILE A 552 8.58 17.00 13.49
C ILE A 552 9.26 16.76 14.82
N LEU A 553 10.02 15.68 14.95
CA LEU A 553 10.69 15.42 16.24
C LEU A 553 11.82 16.42 16.57
N ASN A 554 12.24 17.21 15.59
CA ASN A 554 13.29 18.20 15.79
C ASN A 554 12.79 19.65 15.72
N ASN A 555 11.48 19.80 15.57
CA ASN A 555 10.82 21.10 15.40
C ASN A 555 11.45 21.94 14.32
N GLU A 556 11.66 21.35 13.16
CA GLU A 556 12.29 22.05 12.07
C GLU A 556 11.28 22.91 11.39
N ASP A 557 11.58 24.21 11.29
CA ASP A 557 10.62 25.23 10.84
C ASP A 557 9.21 24.87 11.31
N ASN A 558 8.22 24.92 10.41
CA ASN A 558 6.91 24.41 10.77
C ASN A 558 6.64 23.15 9.95
N ALA A 559 7.26 22.08 10.41
CA ALA A 559 7.18 20.80 9.74
C ALA A 559 5.83 20.19 10.05
N LEU A 560 5.41 20.30 11.31
CA LEU A 560 4.10 19.86 11.72
C LEU A 560 2.95 20.49 10.90
N ASN A 561 2.98 21.80 10.70
CA ASN A 561 1.94 22.40 9.87
C ASN A 561 1.94 21.80 8.50
N SER A 562 3.13 21.55 8.01
CA SER A 562 3.31 20.98 6.70
C SER A 562 2.73 19.56 6.60
N TYR A 563 2.99 18.73 7.60
CA TYR A 563 2.48 17.39 7.55
C TYR A 563 0.96 17.48 7.57
N LEU A 564 0.45 18.34 8.45
CA LEU A 564 -0.97 18.51 8.60
C LEU A 564 -1.58 18.98 7.30
N ASN A 565 -0.88 19.89 6.60
CA ASN A 565 -1.36 20.39 5.30
C ASN A 565 -1.35 19.28 4.25
N PHE A 566 -0.34 18.42 4.35
CA PHE A 566 -0.31 17.26 3.48
C PHE A 566 -1.58 16.40 3.71
N LEU A 567 -1.94 16.17 4.96
CA LEU A 567 -3.02 15.27 5.24
C LEU A 567 -4.31 15.84 4.68
N LYS A 568 -4.44 17.17 4.70
CA LYS A 568 -5.64 17.87 4.22
C LYS A 568 -5.67 18.05 2.71
N SER A 569 -4.67 17.51 2.01
CA SER A 569 -4.54 17.77 0.58
C SER A 569 -5.29 16.78 -0.28
N GLY A 570 -5.67 15.64 0.30
CA GLY A 570 -6.31 14.58 -0.47
C GLY A 570 -5.57 14.26 -1.74
N GLY A 571 -6.29 14.17 -2.84
CA GLY A 571 -5.67 13.93 -4.14
C GLY A 571 -5.83 15.13 -5.06
N SER A 572 -5.60 16.34 -4.55
CA SER A 572 -5.83 17.57 -5.31
C SER A 572 -4.77 17.89 -6.37
N ASP A 573 -3.68 17.15 -6.37
CA ASP A 573 -2.66 17.39 -7.35
C ASP A 573 -1.90 16.08 -7.50
N PHE A 574 -0.96 16.03 -8.44
CA PHE A 574 -0.04 14.91 -8.54
C PHE A 574 0.68 14.71 -7.23
N PRO A 575 0.92 13.44 -6.86
CA PRO A 575 1.48 13.14 -5.53
C PRO A 575 2.81 13.84 -5.19
N LEU A 576 3.73 13.97 -6.16
CA LEU A 576 4.99 14.66 -5.84
C LEU A 576 4.75 16.14 -5.59
N GLU A 577 3.82 16.73 -6.35
CA GLU A 577 3.45 18.11 -6.15
C GLU A 577 2.84 18.33 -4.78
N ILE A 578 1.93 17.45 -4.37
CA ILE A 578 1.35 17.53 -3.03
C ILE A 578 2.46 17.50 -1.98
N LEU A 579 3.44 16.64 -2.20
CA LEU A 579 4.53 16.55 -1.29
C LEU A 579 5.39 17.80 -1.34
N LYS A 580 5.68 18.32 -2.54
CA LYS A 580 6.46 19.55 -2.63
C LYS A 580 5.81 20.67 -1.83
N LYS A 581 4.53 20.92 -2.08
CA LYS A 581 3.80 21.91 -1.34
C LYS A 581 4.04 21.74 0.15
N SER A 582 4.26 20.51 0.59
CA SER A 582 4.44 20.20 2.01
C SER A 582 5.90 20.14 2.48
N GLY A 583 6.82 20.61 1.64
CA GLY A 583 8.25 20.70 2.01
C GLY A 583 9.10 19.48 1.71
N LEU A 584 8.53 18.46 1.08
CA LEU A 584 9.29 17.29 0.66
C LEU A 584 9.51 17.33 -0.84
N ASP A 585 10.72 17.61 -1.27
CA ASP A 585 10.96 17.61 -2.70
C ASP A 585 11.66 16.32 -3.12
N MET A 586 10.86 15.35 -3.56
CA MET A 586 11.39 14.04 -3.94
C MET A 586 12.23 14.18 -5.19
N GLY A 587 12.15 15.33 -5.85
CA GLY A 587 13.01 15.61 -6.98
C GLY A 587 14.44 15.87 -6.50
N THR A 588 14.62 16.00 -5.20
CA THR A 588 15.94 16.20 -4.67
C THR A 588 16.27 15.10 -3.69
N VAL A 589 17.33 15.32 -2.94
CA VAL A 589 17.97 14.30 -2.17
C VAL A 589 17.59 14.54 -0.71
N GLU A 590 16.98 15.68 -0.42
CA GLU A 590 16.71 16.03 0.98
C GLU A 590 15.82 15.02 1.73
N PRO A 591 14.66 14.67 1.16
CA PRO A 591 13.82 13.79 1.94
C PRO A 591 14.53 12.48 2.28
N ILE A 592 15.22 11.89 1.31
CA ILE A 592 15.89 10.63 1.63
C ILE A 592 17.02 10.78 2.64
N GLN A 593 17.65 11.95 2.69
CA GLN A 593 18.70 12.17 3.67
C GLN A 593 18.12 12.32 5.06
N LYS A 594 16.93 12.94 5.14
CA LYS A 594 16.24 13.04 6.41
C LYS A 594 15.81 11.66 6.91
N ALA A 595 15.42 10.79 5.98
CA ALA A 595 15.06 9.44 6.33
C ALA A 595 16.27 8.73 6.90
N PHE A 596 17.37 8.77 6.16
CA PHE A 596 18.60 8.12 6.59
C PHE A 596 19.09 8.62 7.96
N CYS A 597 18.90 9.91 8.21
CA CYS A 597 19.22 10.46 9.53
C CYS A 597 18.50 9.74 10.64
N PHE A 598 17.20 9.61 10.47
CA PHE A 598 16.38 8.91 11.43
C PHE A 598 16.90 7.49 11.67
N ILE A 599 17.25 6.80 10.58
CA ILE A 599 17.66 5.43 10.70
C ILE A 599 19.00 5.36 11.42
N GLU A 600 19.94 6.22 11.04
CA GLU A 600 21.25 6.27 11.65
C GLU A 600 21.13 6.47 13.13
N LYS A 601 20.24 7.36 13.53
CA LYS A 601 20.10 7.63 14.94
C LYS A 601 19.68 6.39 15.68
N LYS A 602 18.79 5.63 15.07
CA LYS A 602 18.21 4.46 15.74
C LYS A 602 19.24 3.34 15.79
N ILE A 603 20.03 3.19 14.73
CA ILE A 603 21.08 2.18 14.74
C ILE A 603 22.06 2.48 15.86
N GLN A 604 22.39 3.74 16.07
CA GLN A 604 23.31 4.14 17.14
C GLN A 604 22.72 3.92 18.52
N GLU A 605 21.46 4.27 18.73
CA GLU A 605 20.83 3.93 20.03
C GLU A 605 20.99 2.45 20.31
N LEU A 606 20.68 1.61 19.32
CA LEU A 606 20.67 0.17 19.51
C LEU A 606 22.07 -0.31 19.79
N SER A 607 23.00 0.22 19.01
CA SER A 607 24.41 -0.16 19.07
C SER A 607 24.99 0.06 20.46
N SER A 608 24.59 1.12 21.14
CA SER A 608 25.12 1.31 22.46
C SER A 608 24.19 0.77 23.57
N LEU A 609 23.23 -0.06 23.21
CA LEU A 609 22.48 -0.78 24.24
C LEU A 609 23.18 -2.11 24.49
N ILE A 610 23.86 -2.61 23.48
CA ILE A 610 24.71 -3.77 23.68
C ILE A 610 25.96 -3.43 24.51
#